data_2IY0
#
_entry.id   2IY0
#
_cell.length_a   83.380
_cell.length_b   83.380
_cell.length_c   148.044
_cell.angle_alpha   90.00
_cell.angle_beta   90.00
_cell.angle_gamma   90.00
#
_symmetry.space_group_name_H-M   'P 43 21 2'
#
loop_
_entity.id
_entity.type
_entity.pdbx_description
1 polymer 'SENTRIN-SPECIFIC PROTEASE 1'
2 polymer 'SMALL UBIQUITIN-RELATED MODIFIER 1'
3 polymer 'RAN GTPASE-ACTIVATING PROTEIN 1'
4 water water
#
loop_
_entity_poly.entity_id
_entity_poly.type
_entity_poly.pdbx_seq_one_letter_code
_entity_poly.pdbx_strand_id
1 'polypeptide(L)'
;EFPEITEEMEKEIKNVFRNGNQDEVLSEAFRLTITRKDIQTLNHLNWLNDEIINFYMNMLMERSKEKGLPSVHAFNTFFF
TKLKTAGYQAVKRWTKKVDVFSVDILLVPIHLGVHWCLAVVDFRKKNITYYDSMGGINNEACRILLQYLKQESIDKKRKE
FDTNGWQLFSKKSQEIPQQMNGSDAGMFACKYADCITKDRPINFTQQHMPYFRKRMVWEILHRKLL
;
A
2 'polypeptide(L)'
;EYIKLKVIGQDSSEIHFKVKMTTHLKKLKESYCQRQGVPMNSLRFLFEGQRIADNHTPKELGMEEEDVIEVYQEQTGGHS
TV
;
B
3 'polypeptide(L)'
;ADVSTFLAFPSPEKLLRLGPKSSVLIAQQTDTSDPEKVVSAFLKVSSVFKDEATVRMAVQDAVDALMQKAFNSSSFNSNT
FLTRLLVHMGLLKSEDKVKAIANLYGPLMALNHMVQQDYFPKALAPLLLAFVTKPNSALESCSFARHSLLQTLYKV
;
C
#
# COMPACT_ATOMS: atom_id res chain seq x y z
N GLU A 1 6.61 4.47 -30.07
CA GLU A 1 7.95 3.85 -30.33
C GLU A 1 9.04 4.43 -29.42
N PHE A 2 8.82 4.30 -28.12
CA PHE A 2 9.81 4.53 -27.05
C PHE A 2 11.05 5.39 -27.34
N PRO A 3 10.97 6.68 -26.99
CA PRO A 3 12.10 7.59 -27.06
C PRO A 3 13.17 7.24 -26.04
N GLU A 4 14.42 7.40 -26.43
CA GLU A 4 15.56 7.01 -25.60
C GLU A 4 15.78 7.88 -24.37
N ILE A 5 16.29 7.28 -23.30
CA ILE A 5 16.86 8.09 -22.22
C ILE A 5 18.23 8.61 -22.65
N THR A 6 18.25 9.86 -23.12
CA THR A 6 19.47 10.52 -23.57
C THR A 6 20.42 10.82 -22.42
N GLU A 7 21.61 11.29 -22.74
CA GLU A 7 22.61 11.60 -21.73
C GLU A 7 22.15 12.64 -20.72
N GLU A 8 21.63 13.77 -21.19
CA GLU A 8 21.12 14.79 -20.26
C GLU A 8 19.83 14.36 -19.54
N MET A 9 19.06 13.48 -20.16
CA MET A 9 17.94 12.91 -19.45
C MET A 9 18.49 12.08 -18.29
N GLU A 10 19.53 11.28 -18.57
CA GLU A 10 20.21 10.49 -17.55
C GLU A 10 20.70 11.34 -16.36
N LYS A 11 21.44 12.41 -16.64
CA LYS A 11 22.03 13.25 -15.58
C LYS A 11 20.98 13.73 -14.59
N GLU A 12 19.89 14.25 -15.12
CA GLU A 12 18.75 14.76 -14.37
C GLU A 12 18.21 13.71 -13.40
N ILE A 13 17.96 12.51 -13.94
CA ILE A 13 17.48 11.37 -13.17
C ILE A 13 18.46 11.00 -12.05
N LYS A 14 19.73 10.79 -12.40
CA LYS A 14 20.74 10.38 -11.42
C LYS A 14 20.88 11.38 -10.28
N ASN A 15 20.67 12.67 -10.60
CA ASN A 15 20.70 13.73 -9.60
C ASN A 15 19.61 13.58 -8.53
N VAL A 16 18.36 13.50 -8.97
CA VAL A 16 17.24 13.37 -8.04
C VAL A 16 17.26 12.05 -7.26
N PHE A 17 17.94 11.04 -7.81
CA PHE A 17 18.14 9.78 -7.12
C PHE A 17 19.13 9.88 -5.94
N ARG A 18 20.19 10.67 -6.11
CA ARG A 18 21.13 10.92 -5.01
C ARG A 18 20.41 11.27 -3.73
N ASN A 19 21.00 10.91 -2.59
CA ASN A 19 20.44 11.32 -1.31
C ASN A 19 20.69 12.80 -1.05
N GLY A 20 19.78 13.40 -0.28
CA GLY A 20 19.84 14.82 0.03
C GLY A 20 18.68 15.18 0.94
N ASN A 21 18.06 16.33 0.71
CA ASN A 21 16.89 16.71 1.49
C ASN A 21 15.67 15.99 0.96
N GLN A 22 15.23 14.96 1.67
CA GLN A 22 14.13 14.10 1.23
C GLN A 22 12.81 14.86 1.15
N ASP A 23 12.76 16.03 1.77
CA ASP A 23 11.60 16.91 1.67
C ASP A 23 11.78 17.98 0.59
N GLU A 24 12.90 17.94 -0.13
CA GLU A 24 13.17 18.87 -1.23
C GLU A 24 12.13 18.70 -2.32
N VAL A 25 11.46 19.78 -2.69
CA VAL A 25 10.44 19.73 -3.73
C VAL A 25 11.09 19.74 -5.11
N LEU A 26 10.85 18.68 -5.87
CA LEU A 26 11.47 18.50 -7.17
C LEU A 26 10.53 18.85 -8.32
N SER A 27 9.24 18.61 -8.12
CA SER A 27 8.21 18.89 -9.12
C SER A 27 6.93 19.36 -8.44
N GLU A 28 6.25 20.33 -9.04
CA GLU A 28 5.00 20.84 -8.48
C GLU A 28 3.96 21.15 -9.55
N ALA A 29 2.82 20.51 -9.44
CA ALA A 29 1.64 20.86 -10.22
C ALA A 29 0.42 20.30 -9.52
N PHE A 30 -0.77 20.70 -9.99
CA PHE A 30 -2.06 20.18 -9.48
C PHE A 30 -2.24 20.44 -7.97
N ARG A 31 -1.53 21.44 -7.45
CA ARG A 31 -1.34 21.61 -6.00
C ARG A 31 -0.89 20.30 -5.36
N LEU A 32 0.06 19.65 -6.03
CA LEU A 32 0.75 18.50 -5.48
C LEU A 32 2.24 18.76 -5.48
N THR A 33 2.96 17.91 -4.75
CA THR A 33 4.35 18.11 -4.48
C THR A 33 5.06 16.77 -4.61
N ILE A 34 6.19 16.77 -5.33
CA ILE A 34 7.02 15.58 -5.50
C ILE A 34 8.38 15.85 -4.87
N THR A 35 8.63 15.21 -3.74
CA THR A 35 9.87 15.40 -2.99
C THR A 35 10.91 14.37 -3.40
N ARG A 36 12.17 14.64 -3.09
CA ARG A 36 13.24 13.68 -3.35
C ARG A 36 12.88 12.29 -2.83
N LYS A 37 12.17 12.24 -1.71
CA LYS A 37 11.72 10.98 -1.13
C LYS A 37 10.79 10.21 -2.07
N ASP A 38 9.76 10.89 -2.57
CA ASP A 38 8.78 10.28 -3.48
C ASP A 38 9.43 9.76 -4.75
N ILE A 39 10.34 10.56 -5.30
CA ILE A 39 11.05 10.19 -6.52
C ILE A 39 11.90 8.94 -6.36
N GLN A 40 12.39 8.70 -5.14
CA GLN A 40 13.29 7.59 -4.85
C GLN A 40 12.58 6.25 -4.98
N THR A 41 11.25 6.27 -4.87
CA THR A 41 10.47 5.05 -4.96
C THR A 41 10.46 4.52 -6.38
N LEU A 42 10.97 5.31 -7.31
CA LEU A 42 11.11 4.87 -8.69
C LEU A 42 12.49 4.29 -8.94
N ASN A 43 13.32 4.24 -7.90
CA ASN A 43 14.71 3.80 -8.04
C ASN A 43 14.81 2.28 -7.89
N HIS A 44 15.70 1.65 -8.65
CA HIS A 44 15.81 0.20 -8.64
C HIS A 44 14.43 -0.46 -8.67
N LEU A 45 14.16 -1.38 -7.76
CA LEU A 45 12.84 -2.01 -7.72
C LEU A 45 12.05 -1.54 -6.51
N ASN A 46 12.31 -0.30 -6.08
CA ASN A 46 11.57 0.31 -4.99
C ASN A 46 10.09 0.34 -5.32
N TRP A 47 9.26 0.08 -4.30
CA TRP A 47 7.81 0.13 -4.41
C TRP A 47 7.39 1.60 -4.57
N LEU A 48 6.54 1.90 -5.54
CA LEU A 48 6.13 3.29 -5.73
C LEU A 48 5.09 3.66 -4.68
N ASN A 49 5.17 4.90 -4.19
CA ASN A 49 4.19 5.41 -3.23
C ASN A 49 2.97 6.08 -3.87
N ASP A 50 2.07 6.58 -3.03
CA ASP A 50 0.84 7.21 -3.48
C ASP A 50 1.12 8.53 -4.20
N GLU A 51 2.13 9.26 -3.74
CA GLU A 51 2.45 10.55 -4.35
C GLU A 51 2.80 10.40 -5.83
N ILE A 52 3.71 9.49 -6.15
CA ILE A 52 4.04 9.19 -7.54
C ILE A 52 2.77 8.89 -8.35
N ILE A 53 1.92 8.04 -7.80
CA ILE A 53 0.76 7.58 -8.54
C ILE A 53 -0.27 8.68 -8.77
N ASN A 54 -0.76 9.31 -7.70
CA ASN A 54 -1.68 10.42 -7.86
C ASN A 54 -1.11 11.47 -8.82
N PHE A 55 0.18 11.80 -8.64
CA PHE A 55 0.84 12.76 -9.53
C PHE A 55 0.70 12.32 -10.97
N TYR A 56 1.19 11.13 -11.27
CA TYR A 56 1.11 10.62 -12.63
C TYR A 56 -0.34 10.60 -13.14
N MET A 57 -1.26 10.13 -12.31
CA MET A 57 -2.66 10.05 -12.72
C MET A 57 -3.18 11.44 -13.08
N ASN A 58 -2.87 12.44 -12.26
CA ASN A 58 -3.17 13.83 -12.60
C ASN A 58 -2.55 14.30 -13.93
N MET A 59 -1.37 13.78 -14.26
CA MET A 59 -0.73 14.09 -15.53
C MET A 59 -1.50 13.45 -16.70
N LEU A 60 -2.00 12.24 -16.49
CA LEU A 60 -2.82 11.59 -17.51
C LEU A 60 -4.11 12.38 -17.72
N MET A 61 -4.59 12.97 -16.63
CA MET A 61 -5.81 13.76 -16.61
C MET A 61 -5.60 15.10 -17.35
N GLU A 62 -4.43 15.71 -17.17
CA GLU A 62 -4.14 16.96 -17.84
C GLU A 62 -3.92 16.75 -19.34
N ARG A 63 -3.29 15.63 -19.70
CA ARG A 63 -3.07 15.28 -21.09
C ARG A 63 -4.39 14.98 -21.80
N SER A 64 -5.38 14.48 -21.07
CA SER A 64 -6.64 14.08 -21.70
C SER A 64 -7.44 15.27 -22.23
N LYS A 65 -6.90 16.46 -22.08
CA LYS A 65 -7.54 17.65 -22.58
C LYS A 65 -7.30 17.86 -24.08
N GLU A 66 -6.17 17.36 -24.59
CA GLU A 66 -5.79 17.57 -25.99
C GLU A 66 -6.61 16.71 -26.97
N LYS A 67 -7.00 17.32 -28.09
CA LYS A 67 -7.99 16.74 -29.01
C LYS A 67 -7.63 15.37 -29.57
N GLY A 68 -8.66 14.53 -29.73
CA GLY A 68 -8.48 13.14 -30.14
C GLY A 68 -8.44 12.18 -28.96
N LEU A 69 -8.06 12.68 -27.78
CA LEU A 69 -7.93 11.82 -26.60
C LEU A 69 -9.19 11.85 -25.75
N PRO A 70 -9.57 10.67 -25.20
CA PRO A 70 -10.76 10.63 -24.34
C PRO A 70 -10.52 11.43 -23.06
N SER A 71 -11.50 12.26 -22.69
CA SER A 71 -11.41 13.01 -21.44
C SER A 71 -11.19 12.04 -20.28
N VAL A 72 -10.41 12.46 -19.29
CA VAL A 72 -10.12 11.60 -18.14
C VAL A 72 -10.39 12.31 -16.84
N HIS A 73 -11.14 11.66 -15.95
CA HIS A 73 -11.05 11.98 -14.54
C HIS A 73 -10.31 10.87 -13.83
N ALA A 74 -9.55 11.24 -12.80
CA ALA A 74 -8.82 10.26 -11.98
C ALA A 74 -9.03 10.54 -10.49
N PHE A 75 -9.54 9.55 -9.78
CA PHE A 75 -9.70 9.67 -8.36
C PHE A 75 -8.33 9.48 -7.71
N ASN A 76 -8.16 10.02 -6.51
CA ASN A 76 -6.92 9.80 -5.82
C ASN A 76 -6.89 8.38 -5.26
N THR A 77 -5.71 7.94 -4.86
CA THR A 77 -5.48 6.57 -4.44
C THR A 77 -6.24 6.19 -3.18
N PHE A 78 -6.62 7.21 -2.39
CA PHE A 78 -7.40 7.01 -1.17
C PHE A 78 -8.90 6.89 -1.40
N PHE A 79 -9.35 7.18 -2.63
CA PHE A 79 -10.78 7.20 -2.92
C PHE A 79 -11.47 5.84 -2.78
N PHE A 80 -10.89 4.82 -3.41
CA PHE A 80 -11.57 3.53 -3.48
C PHE A 80 -11.67 2.87 -2.12
N THR A 81 -10.57 2.90 -1.36
CA THR A 81 -10.57 2.30 -0.02
C THR A 81 -11.68 2.94 0.81
N LYS A 82 -11.71 4.28 0.81
CA LYS A 82 -12.73 5.01 1.56
C LYS A 82 -14.14 4.67 1.08
N LEU A 83 -14.32 4.53 -0.24
CA LEU A 83 -15.57 4.03 -0.78
C LEU A 83 -15.90 2.62 -0.28
N LYS A 84 -14.88 1.78 -0.19
CA LYS A 84 -15.06 0.37 0.10
C LYS A 84 -15.46 0.07 1.54
N THR A 85 -14.75 0.66 2.50
CA THR A 85 -14.91 0.34 3.92
C THR A 85 -15.96 1.22 4.58
N ALA A 86 -15.83 2.54 4.43
CA ALA A 86 -16.93 3.44 4.73
C ALA A 86 -17.90 3.38 3.55
N GLY A 87 -19.11 3.91 3.70
CA GLY A 87 -20.07 3.89 2.60
C GLY A 87 -19.78 4.90 1.50
N TYR A 88 -20.71 5.00 0.54
CA TYR A 88 -20.68 6.07 -0.46
C TYR A 88 -20.74 7.45 0.20
N GLN A 89 -21.54 7.56 1.27
CA GLN A 89 -21.75 8.83 1.98
C GLN A 89 -20.46 9.55 2.40
N ALA A 90 -19.35 8.81 2.45
CA ALA A 90 -18.07 9.32 2.94
C ALA A 90 -17.14 9.78 1.81
N VAL A 91 -17.57 9.56 0.58
CA VAL A 91 -16.81 10.03 -0.59
C VAL A 91 -17.59 11.01 -1.46
N LYS A 92 -18.85 11.26 -1.12
CA LYS A 92 -19.75 12.03 -1.99
C LYS A 92 -19.31 13.46 -2.29
N ARG A 93 -18.74 14.13 -1.29
CA ARG A 93 -18.28 15.51 -1.45
C ARG A 93 -16.95 15.61 -2.20
N TRP A 94 -16.29 14.47 -2.36
CA TRP A 94 -15.05 14.42 -3.13
C TRP A 94 -15.28 14.84 -4.58
N THR A 95 -16.44 14.48 -5.12
CA THR A 95 -16.78 14.80 -6.50
C THR A 95 -17.71 15.99 -6.62
N LYS A 96 -17.70 16.88 -5.62
CA LYS A 96 -18.28 18.20 -5.82
C LYS A 96 -17.28 18.99 -6.66
N LYS A 97 -17.77 19.85 -7.52
CA LYS A 97 -16.94 20.58 -8.49
C LYS A 97 -16.46 19.71 -9.66
N VAL A 98 -16.94 18.46 -9.72
CA VAL A 98 -16.68 17.61 -10.89
C VAL A 98 -17.94 16.90 -11.35
N ASP A 99 -18.36 17.20 -12.59
CA ASP A 99 -19.38 16.40 -13.25
C ASP A 99 -18.72 15.14 -13.79
N VAL A 100 -18.77 14.09 -12.98
CA VAL A 100 -18.11 12.82 -13.29
C VAL A 100 -18.66 12.17 -14.58
N PHE A 101 -19.85 12.56 -15.00
CA PHE A 101 -20.46 12.00 -16.20
C PHE A 101 -20.10 12.76 -17.47
N SER A 102 -19.46 13.92 -17.31
CA SER A 102 -19.05 14.73 -18.45
C SER A 102 -17.66 14.33 -18.98
N VAL A 103 -17.23 13.11 -18.64
CA VAL A 103 -15.98 12.56 -19.17
C VAL A 103 -16.13 11.12 -19.65
N ASP A 104 -15.27 10.73 -20.58
CA ASP A 104 -15.27 9.39 -21.16
C ASP A 104 -14.68 8.34 -20.19
N ILE A 105 -13.56 8.69 -19.58
CA ILE A 105 -12.81 7.77 -18.73
C ILE A 105 -12.77 8.24 -17.27
N LEU A 106 -12.98 7.29 -16.35
CA LEU A 106 -12.61 7.51 -14.98
C LEU A 106 -11.50 6.54 -14.61
N LEU A 107 -10.42 7.05 -14.03
CA LEU A 107 -9.36 6.19 -13.56
C LEU A 107 -9.43 6.04 -12.05
N VAL A 108 -9.43 4.80 -11.58
CA VAL A 108 -9.42 4.55 -10.15
C VAL A 108 -8.24 3.67 -9.77
N PRO A 109 -7.11 4.29 -9.39
CA PRO A 109 -6.00 3.56 -8.76
C PRO A 109 -6.47 2.90 -7.47
N ILE A 110 -6.14 1.62 -7.28
CA ILE A 110 -6.52 0.88 -6.08
C ILE A 110 -5.31 0.50 -5.23
N HIS A 111 -5.42 0.69 -3.91
CA HIS A 111 -4.37 0.24 -3.00
C HIS A 111 -4.79 -0.92 -2.09
N LEU A 112 -4.25 -2.10 -2.37
CA LEU A 112 -4.60 -3.32 -1.63
C LEU A 112 -3.40 -3.95 -0.92
N GLY A 113 -3.20 -3.61 0.35
CA GLY A 113 -2.12 -4.19 1.15
C GLY A 113 -0.78 -3.88 0.54
N VAL A 114 -0.18 -4.88 -0.11
CA VAL A 114 1.10 -4.67 -0.81
C VAL A 114 0.91 -4.54 -2.31
N HIS A 115 -0.34 -4.45 -2.75
CA HIS A 115 -0.66 -4.45 -4.18
C HIS A 115 -1.13 -3.07 -4.65
N TRP A 116 -0.64 -2.64 -5.81
CA TRP A 116 -1.28 -1.54 -6.56
C TRP A 116 -2.10 -2.16 -7.68
N CYS A 117 -3.30 -1.61 -7.90
CA CYS A 117 -4.17 -2.08 -8.99
C CYS A 117 -4.90 -0.89 -9.60
N LEU A 118 -5.71 -1.15 -10.63
CA LEU A 118 -6.43 -0.10 -11.33
C LEU A 118 -7.78 -0.56 -11.86
N ALA A 119 -8.80 0.25 -11.62
CA ALA A 119 -10.10 0.04 -12.21
C ALA A 119 -10.37 1.20 -13.13
N VAL A 120 -11.13 0.94 -14.20
CA VAL A 120 -11.38 1.95 -15.21
C VAL A 120 -12.84 1.93 -15.63
N VAL A 121 -13.48 3.09 -15.50
CA VAL A 121 -14.83 3.29 -15.98
C VAL A 121 -14.70 3.94 -17.34
N ASP A 122 -15.34 3.33 -18.34
CA ASP A 122 -15.31 3.84 -19.69
C ASP A 122 -16.75 4.02 -20.17
N PHE A 123 -17.20 5.27 -20.19
CA PHE A 123 -18.57 5.58 -20.58
C PHE A 123 -18.84 5.42 -22.07
N ARG A 124 -17.79 5.18 -22.86
CA ARG A 124 -17.92 5.00 -24.31
C ARG A 124 -18.19 3.54 -24.64
N LYS A 125 -17.43 2.63 -24.04
CA LYS A 125 -17.63 1.20 -24.25
C LYS A 125 -18.58 0.65 -23.19
N LYS A 126 -19.00 1.51 -22.26
CA LYS A 126 -19.87 1.16 -21.12
C LYS A 126 -19.39 -0.03 -20.29
N ASN A 127 -18.14 0.01 -19.81
CA ASN A 127 -17.68 -1.03 -18.88
C ASN A 127 -16.80 -0.62 -17.71
N ILE A 128 -16.80 -1.45 -16.67
CA ILE A 128 -15.87 -1.29 -15.57
C ILE A 128 -14.85 -2.42 -15.61
N THR A 129 -13.59 -2.04 -15.77
CA THR A 129 -12.51 -3.00 -16.01
C THR A 129 -11.45 -2.89 -14.95
N TYR A 130 -11.05 -4.05 -14.42
CA TYR A 130 -10.02 -4.15 -13.39
C TYR A 130 -8.75 -4.74 -13.97
N TYR A 131 -7.62 -4.12 -13.64
CA TYR A 131 -6.31 -4.54 -14.12
C TYR A 131 -5.39 -4.79 -12.90
N ASP A 132 -4.86 -6.00 -12.80
CA ASP A 132 -3.97 -6.41 -11.70
C ASP A 132 -2.81 -7.15 -12.30
N SER A 133 -1.62 -6.56 -12.21
CA SER A 133 -0.44 -7.11 -12.89
C SER A 133 0.03 -8.42 -12.28
N MET A 134 -0.74 -8.90 -11.29
CA MET A 134 -0.45 -10.12 -10.56
C MET A 134 -1.48 -11.21 -10.86
N GLY A 135 -2.46 -10.89 -11.69
CA GLY A 135 -3.42 -11.87 -12.18
C GLY A 135 -4.59 -12.05 -11.24
N GLY A 136 -4.56 -11.30 -10.15
CA GLY A 136 -5.63 -11.31 -9.16
C GLY A 136 -6.90 -10.77 -9.77
N ILE A 137 -8.03 -11.38 -9.39
CA ILE A 137 -9.33 -11.03 -9.91
C ILE A 137 -10.10 -10.26 -8.84
N ASN A 138 -10.57 -9.08 -9.19
CA ASN A 138 -11.43 -8.30 -8.31
C ASN A 138 -12.73 -8.01 -9.06
N ASN A 139 -13.19 -9.04 -9.77
CA ASN A 139 -14.58 -9.19 -10.19
C ASN A 139 -15.56 -8.30 -9.44
N GLU A 140 -15.15 -7.89 -8.24
CA GLU A 140 -16.02 -7.30 -7.22
C GLU A 140 -15.81 -5.80 -7.00
N ALA A 141 -14.62 -5.30 -7.30
CA ALA A 141 -14.32 -3.87 -7.16
C ALA A 141 -15.08 -3.08 -8.23
N CYS A 142 -15.43 -3.78 -9.31
CA CYS A 142 -16.23 -3.23 -10.37
C CYS A 142 -17.66 -3.01 -9.88
N ARG A 143 -18.20 -4.01 -9.19
CA ARG A 143 -19.53 -3.91 -8.58
C ARG A 143 -19.59 -2.74 -7.59
N ILE A 144 -18.55 -2.58 -6.78
CA ILE A 144 -18.48 -1.47 -5.84
C ILE A 144 -18.62 -0.15 -6.59
N LEU A 145 -17.81 0.00 -7.64
CA LEU A 145 -17.80 1.18 -8.49
C LEU A 145 -19.11 1.40 -9.23
N LEU A 146 -19.71 0.32 -9.73
CA LEU A 146 -21.00 0.41 -10.42
C LEU A 146 -22.07 0.98 -9.50
N GLN A 147 -22.04 0.52 -8.25
CA GLN A 147 -22.90 1.01 -7.18
C GLN A 147 -22.60 2.48 -6.90
N TYR A 148 -21.32 2.84 -6.97
CA TYR A 148 -20.91 4.23 -6.79
C TYR A 148 -21.54 5.13 -7.84
N LEU A 149 -21.50 4.71 -9.09
CA LEU A 149 -22.06 5.50 -10.19
C LEU A 149 -23.56 5.73 -10.00
N LYS A 150 -24.29 4.69 -9.60
CA LYS A 150 -25.72 4.79 -9.30
C LYS A 150 -25.99 5.75 -8.15
N GLN A 151 -25.14 5.70 -7.13
CA GLN A 151 -25.27 6.52 -5.94
C GLN A 151 -24.92 7.98 -6.21
N GLU A 152 -23.95 8.17 -7.11
CA GLU A 152 -23.49 9.47 -7.55
C GLU A 152 -24.46 10.16 -8.51
N SER A 153 -25.06 9.37 -9.40
CA SER A 153 -26.06 9.87 -10.34
C SER A 153 -27.27 10.45 -9.62
N ILE A 154 -27.76 9.73 -8.62
CA ILE A 154 -28.87 10.21 -7.81
C ILE A 154 -28.44 11.50 -7.10
N ASP A 155 -27.28 11.43 -6.42
CA ASP A 155 -26.82 12.53 -5.60
C ASP A 155 -26.53 13.82 -6.37
N LYS A 156 -25.84 13.70 -7.52
CA LYS A 156 -25.35 14.89 -8.23
C LYS A 156 -26.19 15.36 -9.42
N LYS A 157 -26.91 14.44 -10.05
CA LYS A 157 -27.72 14.80 -11.22
C LYS A 157 -29.22 14.73 -10.93
N ARG A 158 -29.57 14.12 -9.80
CA ARG A 158 -30.96 13.98 -9.34
C ARG A 158 -31.79 12.96 -10.14
N LYS A 159 -31.13 12.25 -11.06
CA LYS A 159 -31.76 11.18 -11.83
C LYS A 159 -31.00 9.86 -11.67
N GLU A 160 -31.70 8.74 -11.93
CA GLU A 160 -31.15 7.40 -11.76
C GLU A 160 -30.24 7.01 -12.94
N PHE A 161 -29.07 6.46 -12.62
CA PHE A 161 -28.08 6.08 -13.63
C PHE A 161 -28.56 4.88 -14.45
N ASP A 162 -28.50 5.01 -15.77
CA ASP A 162 -28.95 3.95 -16.66
C ASP A 162 -27.89 2.86 -16.69
N THR A 163 -28.34 1.61 -16.76
CA THR A 163 -27.45 0.48 -16.54
C THR A 163 -27.37 -0.50 -17.70
N ASN A 164 -28.34 -0.44 -18.62
CA ASN A 164 -28.37 -1.37 -19.75
C ASN A 164 -27.10 -1.35 -20.60
N GLY A 165 -26.59 -2.54 -20.92
CA GLY A 165 -25.43 -2.70 -21.81
C GLY A 165 -24.08 -2.71 -21.11
N TRP A 166 -24.05 -2.19 -19.89
CA TRP A 166 -22.83 -2.13 -19.10
C TRP A 166 -22.32 -3.52 -18.69
N GLN A 167 -21.00 -3.67 -18.64
CA GLN A 167 -20.40 -4.93 -18.20
C GLN A 167 -19.25 -4.73 -17.21
N LEU A 168 -18.88 -5.82 -16.52
CA LEU A 168 -17.86 -5.76 -15.48
C LEU A 168 -16.79 -6.80 -15.76
N PHE A 169 -15.57 -6.33 -15.99
CA PHE A 169 -14.46 -7.20 -16.36
C PHE A 169 -13.35 -7.16 -15.33
N SER A 170 -12.68 -8.30 -15.16
CA SER A 170 -11.38 -8.36 -14.51
C SER A 170 -10.45 -9.11 -15.45
N LYS A 171 -9.43 -8.41 -15.93
CA LYS A 171 -8.52 -8.94 -16.95
C LYS A 171 -7.72 -10.15 -16.49
N LYS A 172 -7.79 -11.23 -17.28
CA LYS A 172 -7.08 -12.47 -16.98
C LYS A 172 -5.58 -12.35 -17.29
N SER A 173 -4.80 -13.17 -16.60
CA SER A 173 -3.36 -13.07 -16.60
C SER A 173 -2.75 -13.17 -18.01
N GLN A 174 -3.40 -13.94 -18.88
CA GLN A 174 -2.85 -14.21 -20.21
C GLN A 174 -3.32 -13.26 -21.30
N GLU A 175 -3.79 -12.08 -20.91
CA GLU A 175 -4.29 -11.10 -21.90
C GLU A 175 -3.90 -9.64 -21.62
N ILE A 176 -3.42 -9.37 -20.41
CA ILE A 176 -2.61 -8.17 -20.18
C ILE A 176 -1.29 -8.67 -19.61
N PRO A 177 -0.20 -7.93 -19.85
CA PRO A 177 1.10 -8.47 -19.47
C PRO A 177 1.33 -8.39 -17.96
N GLN A 178 1.91 -9.44 -17.39
CA GLN A 178 2.09 -9.58 -15.95
C GLN A 178 3.45 -9.11 -15.47
N GLN A 179 3.53 -8.88 -14.16
CA GLN A 179 4.78 -8.73 -13.41
C GLN A 179 5.58 -10.03 -13.41
N MET A 180 6.89 -9.92 -13.33
CA MET A 180 7.73 -11.10 -13.11
C MET A 180 8.56 -10.95 -11.83
N ASN A 181 8.30 -9.87 -11.09
CA ASN A 181 8.96 -9.58 -9.82
C ASN A 181 7.92 -9.09 -8.80
N GLY A 182 8.35 -8.78 -7.58
CA GLY A 182 7.39 -8.40 -6.52
C GLY A 182 7.31 -6.91 -6.26
N SER A 183 7.58 -6.10 -7.28
CA SER A 183 7.87 -4.67 -7.07
C SER A 183 7.31 -3.65 -8.06
N ASP A 184 6.84 -4.11 -9.22
CA ASP A 184 6.43 -3.16 -10.27
C ASP A 184 4.94 -2.83 -10.41
N ALA A 185 4.10 -3.36 -9.52
CA ALA A 185 2.65 -3.12 -9.62
C ALA A 185 2.27 -1.69 -9.94
N GLY A 186 2.99 -0.72 -9.39
CA GLY A 186 2.67 0.68 -9.60
C GLY A 186 2.94 1.07 -11.03
N MET A 187 4.11 0.70 -11.52
CA MET A 187 4.46 0.93 -12.90
C MET A 187 3.41 0.33 -13.84
N PHE A 188 2.99 -0.91 -13.58
CA PHE A 188 1.96 -1.52 -14.42
C PHE A 188 0.67 -0.72 -14.31
N ALA A 189 0.26 -0.42 -13.09
CA ALA A 189 -0.93 0.40 -12.88
C ALA A 189 -0.86 1.68 -13.72
N CYS A 190 0.22 2.42 -13.55
CA CYS A 190 0.46 3.65 -14.31
C CYS A 190 0.49 3.42 -15.83
N LYS A 191 1.24 2.42 -16.28
CA LYS A 191 1.42 2.26 -17.72
C LYS A 191 0.19 1.69 -18.42
N TYR A 192 -0.56 0.82 -17.74
CA TYR A 192 -1.85 0.39 -18.28
C TYR A 192 -2.66 1.66 -18.47
N ALA A 193 -2.70 2.47 -17.42
CA ALA A 193 -3.48 3.69 -17.39
C ALA A 193 -3.05 4.67 -18.48
N ASP A 194 -1.74 4.75 -18.70
CA ASP A 194 -1.17 5.52 -19.83
C ASP A 194 -1.71 5.03 -21.18
N CYS A 195 -1.55 3.74 -21.49
CA CYS A 195 -2.08 3.18 -22.74
C CYS A 195 -3.58 3.40 -22.93
N ILE A 196 -4.36 3.08 -21.89
CA ILE A 196 -5.81 3.14 -21.97
C ILE A 196 -6.29 4.56 -22.31
N THR A 197 -5.68 5.55 -21.67
CA THR A 197 -6.09 6.94 -21.86
C THR A 197 -5.62 7.53 -23.20
N LYS A 198 -4.74 6.80 -23.88
CA LYS A 198 -4.22 7.20 -25.18
C LYS A 198 -4.95 6.43 -26.28
N ASP A 199 -5.91 5.60 -25.88
CA ASP A 199 -6.67 4.72 -26.78
C ASP A 199 -5.81 3.68 -27.54
N ARG A 200 -4.59 3.48 -27.05
CA ARG A 200 -3.63 2.54 -27.62
C ARG A 200 -3.60 1.22 -26.85
N PRO A 201 -3.44 0.09 -27.56
CA PRO A 201 -3.46 -1.22 -26.90
C PRO A 201 -2.19 -1.41 -26.05
N ILE A 202 -2.34 -2.13 -24.95
CA ILE A 202 -1.21 -2.40 -24.06
C ILE A 202 -0.17 -3.29 -24.77
N ASN A 203 0.86 -2.65 -25.30
CA ASN A 203 1.99 -3.38 -25.86
C ASN A 203 3.31 -3.00 -25.20
N PHE A 204 3.48 -3.52 -24.00
CA PHE A 204 4.73 -3.51 -23.26
C PHE A 204 4.76 -4.76 -22.39
N THR A 205 5.92 -5.10 -21.85
CA THR A 205 6.07 -6.24 -20.94
C THR A 205 6.94 -5.83 -19.76
N GLN A 206 7.39 -6.80 -18.99
CA GLN A 206 8.29 -6.56 -17.87
C GLN A 206 9.59 -5.91 -18.36
N GLN A 207 10.10 -6.42 -19.49
CA GLN A 207 11.33 -5.98 -20.13
C GLN A 207 11.41 -4.45 -20.28
N HIS A 208 10.28 -3.77 -20.21
CA HIS A 208 10.22 -2.32 -20.40
C HIS A 208 10.20 -1.51 -19.12
N MET A 209 10.09 -2.19 -17.98
CA MET A 209 9.89 -1.48 -16.73
C MET A 209 11.11 -0.71 -16.21
N PRO A 210 12.32 -1.27 -16.34
CA PRO A 210 13.41 -0.42 -15.88
C PRO A 210 13.39 0.92 -16.62
N TYR A 211 13.32 0.85 -17.95
CA TYR A 211 13.21 2.03 -18.80
C TYR A 211 12.02 2.92 -18.44
N PHE A 212 10.86 2.34 -18.13
CA PHE A 212 9.71 3.16 -17.73
C PHE A 212 9.96 3.86 -16.40
N ARG A 213 10.51 3.13 -15.45
CA ARG A 213 10.86 3.70 -14.17
C ARG A 213 11.76 4.95 -14.33
N LYS A 214 12.88 4.82 -15.04
CA LYS A 214 13.74 5.98 -15.25
C LYS A 214 12.99 7.06 -16.03
N ARG A 215 12.32 6.67 -17.11
CA ARG A 215 11.63 7.66 -17.93
C ARG A 215 10.55 8.43 -17.18
N MET A 216 9.86 7.76 -16.26
CA MET A 216 8.82 8.42 -15.47
C MET A 216 9.42 9.53 -14.62
N VAL A 217 10.68 9.36 -14.24
CA VAL A 217 11.32 10.35 -13.38
C VAL A 217 11.38 11.64 -14.15
N TRP A 218 11.88 11.56 -15.38
CA TRP A 218 12.02 12.73 -16.23
C TRP A 218 10.63 13.30 -16.52
N GLU A 219 9.71 12.40 -16.85
CA GLU A 219 8.33 12.79 -17.10
C GLU A 219 7.76 13.57 -15.92
N ILE A 220 7.96 13.08 -14.71
CA ILE A 220 7.42 13.76 -13.54
C ILE A 220 8.10 15.12 -13.28
N LEU A 221 9.40 15.20 -13.50
CA LEU A 221 10.13 16.44 -13.29
C LEU A 221 9.73 17.48 -14.33
N HIS A 222 9.48 17.00 -15.54
CA HIS A 222 9.11 17.88 -16.63
C HIS A 222 7.62 17.97 -16.82
N ARG A 223 6.86 17.28 -15.99
CA ARG A 223 5.42 17.26 -16.12
C ARG A 223 4.98 17.11 -17.59
N LYS A 224 5.79 16.38 -18.36
CA LYS A 224 5.49 16.11 -19.76
C LYS A 224 5.58 14.62 -20.01
N LEU A 225 4.45 14.01 -20.36
CA LEU A 225 4.36 12.59 -20.70
C LEU A 225 4.88 12.29 -22.13
N LEU A 226 5.78 11.32 -22.22
CA LEU A 226 6.29 10.92 -23.52
C LEU A 226 5.39 9.87 -24.18
N ILE B 3 -13.10 28.74 11.87
CA ILE B 3 -11.97 28.71 12.86
C ILE B 3 -11.89 27.38 13.62
N LYS B 4 -13.03 26.67 13.68
CA LYS B 4 -13.16 25.47 14.51
C LYS B 4 -13.26 24.20 13.64
N LEU B 5 -12.22 23.36 13.71
CA LEU B 5 -12.08 22.20 12.82
C LEU B 5 -11.87 20.86 13.55
N LYS B 6 -12.20 19.78 12.86
CA LYS B 6 -11.95 18.42 13.36
C LYS B 6 -11.01 17.65 12.42
N VAL B 7 -9.93 17.12 12.98
CA VAL B 7 -8.91 16.40 12.21
C VAL B 7 -8.95 14.91 12.57
N ILE B 8 -9.50 14.10 11.67
CA ILE B 8 -9.79 12.71 11.99
C ILE B 8 -8.92 11.71 11.22
N GLY B 9 -8.21 10.86 11.96
CA GLY B 9 -7.38 9.81 11.37
C GLY B 9 -8.17 8.55 11.02
N GLN B 10 -7.56 7.68 10.23
CA GLN B 10 -8.18 6.40 9.83
C GLN B 10 -8.69 5.63 11.05
N ASP B 11 -7.81 5.46 12.04
CA ASP B 11 -8.17 4.75 13.27
C ASP B 11 -9.04 5.59 14.21
N SER B 12 -9.83 6.49 13.63
CA SER B 12 -10.82 7.29 14.36
C SER B 12 -10.27 7.94 15.64
N SER B 13 -9.54 9.03 15.47
CA SER B 13 -8.96 9.76 16.60
C SER B 13 -9.02 11.27 16.36
N GLU B 14 -10.12 11.88 16.79
CA GLU B 14 -10.37 13.31 16.61
C GLU B 14 -9.37 14.20 17.34
N ILE B 15 -9.13 15.38 16.78
CA ILE B 15 -8.29 16.40 17.41
C ILE B 15 -8.69 17.79 16.88
N HIS B 16 -9.11 18.68 17.79
CA HIS B 16 -9.65 19.99 17.43
C HIS B 16 -8.56 21.06 17.35
N PHE B 17 -8.58 21.85 16.28
CA PHE B 17 -7.64 22.95 16.09
C PHE B 17 -8.30 24.34 16.12
N LYS B 18 -7.52 25.33 16.56
CA LYS B 18 -7.97 26.72 16.62
C LYS B 18 -7.19 27.57 15.61
N VAL B 19 -7.42 27.30 14.33
CA VAL B 19 -6.67 27.96 13.25
C VAL B 19 -7.38 29.23 12.76
N LYS B 20 -6.60 30.14 12.17
CA LYS B 20 -7.11 31.42 11.68
C LYS B 20 -7.65 31.29 10.24
N MET B 21 -8.81 31.90 10.03
CA MET B 21 -9.51 32.00 8.73
C MET B 21 -8.60 32.17 7.50
N THR B 22 -7.52 32.93 7.67
CA THR B 22 -6.66 33.34 6.55
C THR B 22 -5.31 32.62 6.53
N THR B 23 -4.84 32.17 7.70
CA THR B 23 -3.48 31.65 7.85
C THR B 23 -3.31 30.21 7.36
N HIS B 24 -2.16 29.94 6.74
CA HIS B 24 -1.86 28.67 6.08
C HIS B 24 -2.04 27.42 6.96
N LEU B 25 -2.49 26.34 6.34
CA LEU B 25 -2.73 25.09 7.03
C LEU B 25 -1.44 24.30 7.25
N LYS B 26 -0.33 24.76 6.67
CA LYS B 26 1.00 24.19 6.91
C LYS B 26 1.27 23.98 8.39
N LYS B 27 1.14 25.05 9.16
CA LYS B 27 1.47 25.04 10.58
C LYS B 27 0.48 24.24 11.43
N LEU B 28 -0.72 23.99 10.90
CA LEU B 28 -1.66 23.08 11.53
C LEU B 28 -1.13 21.67 11.35
N LYS B 29 -0.86 21.32 10.09
CA LYS B 29 -0.30 20.03 9.72
C LYS B 29 0.97 19.75 10.52
N GLU B 30 1.83 20.77 10.61
CA GLU B 30 3.07 20.67 11.36
C GLU B 30 2.81 20.33 12.82
N SER B 31 1.90 21.08 13.44
CA SER B 31 1.58 20.91 14.86
C SER B 31 0.52 19.84 15.12
N TYR B 32 0.25 19.01 14.12
CA TYR B 32 -0.55 17.81 14.30
C TYR B 32 0.38 16.61 14.39
N CYS B 33 1.31 16.54 13.44
CA CYS B 33 2.30 15.48 13.37
C CYS B 33 3.28 15.56 14.53
N GLN B 34 3.51 16.78 15.02
CA GLN B 34 4.31 17.01 16.23
C GLN B 34 3.48 16.79 17.50
N ARG B 35 2.17 16.57 17.32
CA ARG B 35 1.28 16.26 18.45
C ARG B 35 0.86 14.77 18.52
N GLN B 36 0.95 14.06 17.39
CA GLN B 36 0.56 12.64 17.35
C GLN B 36 1.68 11.61 17.04
N GLY B 37 2.98 12.25 16.79
CA GLY B 37 4.15 11.34 16.81
C GLY B 37 4.90 11.20 15.50
N VAL B 38 4.14 11.04 14.42
CA VAL B 38 4.71 10.68 13.11
C VAL B 38 5.29 11.88 12.33
N PRO B 39 6.17 11.61 11.33
CA PRO B 39 6.74 12.71 10.57
C PRO B 39 5.82 13.20 9.46
N MET B 40 6.21 14.31 8.84
CA MET B 40 5.35 15.01 7.87
C MET B 40 4.99 14.18 6.65
N ASN B 41 5.99 13.58 6.01
CA ASN B 41 5.75 12.89 4.74
C ASN B 41 5.16 11.48 4.88
N SER B 42 4.50 11.23 6.01
CA SER B 42 3.86 9.94 6.26
C SER B 42 2.35 10.08 6.20
N LEU B 43 1.87 11.31 6.36
CA LEU B 43 0.44 11.59 6.37
C LEU B 43 0.06 12.52 5.25
N ARG B 44 -1.18 12.38 4.77
CA ARG B 44 -1.73 13.34 3.82
C ARG B 44 -3.01 13.90 4.41
N PHE B 45 -3.25 15.18 4.16
CA PHE B 45 -4.40 15.85 4.72
C PHE B 45 -5.43 16.16 3.65
N LEU B 46 -6.62 15.59 3.80
CA LEU B 46 -7.70 15.77 2.83
C LEU B 46 -8.88 16.54 3.41
N PHE B 47 -9.35 17.56 2.69
CA PHE B 47 -10.66 18.13 2.98
C PHE B 47 -11.67 17.69 1.92
N GLU B 48 -12.66 16.92 2.36
CA GLU B 48 -13.58 16.20 1.47
C GLU B 48 -12.97 15.85 0.11
N GLY B 49 -11.92 15.04 0.16
CA GLY B 49 -11.23 14.57 -1.04
C GLY B 49 -9.98 15.34 -1.40
N GLN B 50 -10.03 16.66 -1.24
CA GLN B 50 -8.98 17.53 -1.74
C GLN B 50 -7.71 17.49 -0.91
N ARG B 51 -6.59 17.20 -1.56
CA ARG B 51 -5.29 17.20 -0.89
C ARG B 51 -4.90 18.61 -0.45
N ILE B 52 -4.74 18.76 0.87
CA ILE B 52 -4.39 20.03 1.49
C ILE B 52 -2.88 20.25 1.44
N ALA B 53 -2.47 21.25 0.65
CA ALA B 53 -1.08 21.65 0.58
C ALA B 53 -0.84 22.78 1.57
N ASP B 54 0.44 23.06 1.85
CA ASP B 54 0.84 24.12 2.78
C ASP B 54 0.14 25.47 2.54
N ASN B 55 -0.01 25.82 1.26
CA ASN B 55 -0.60 27.09 0.85
C ASN B 55 -2.09 27.22 1.16
N HIS B 56 -2.80 26.09 1.15
CA HIS B 56 -4.25 26.10 1.25
C HIS B 56 -4.78 26.91 2.43
N THR B 57 -5.64 27.87 2.09
CA THR B 57 -6.31 28.70 3.07
C THR B 57 -7.64 28.01 3.38
N PRO B 58 -8.00 27.93 4.67
CA PRO B 58 -9.36 27.54 5.03
C PRO B 58 -10.41 28.26 4.19
N LYS B 59 -10.08 29.47 3.74
CA LYS B 59 -10.94 30.27 2.87
C LYS B 59 -10.99 29.71 1.44
N GLU B 60 -9.84 29.34 0.89
CA GLU B 60 -9.80 28.85 -0.50
C GLU B 60 -10.29 27.39 -0.67
N LEU B 61 -11.03 26.92 0.33
CA LEU B 61 -12.09 25.93 0.16
C LEU B 61 -13.17 26.24 1.18
N GLY B 62 -14.43 26.06 0.81
CA GLY B 62 -15.58 26.55 1.59
C GLY B 62 -15.74 26.05 3.02
N MET B 63 -14.61 25.96 3.73
CA MET B 63 -14.56 25.46 5.11
C MET B 63 -15.49 26.21 6.05
N GLU B 64 -16.32 25.44 6.75
CA GLU B 64 -17.28 25.95 7.71
C GLU B 64 -16.74 25.74 9.13
N GLU B 65 -17.39 26.35 10.12
CA GLU B 65 -16.91 26.30 11.51
C GLU B 65 -17.26 25.01 12.24
N GLU B 66 -16.95 23.88 11.59
CA GLU B 66 -17.25 22.54 12.13
C GLU B 66 -16.59 21.41 11.34
N ASP B 67 -16.63 21.50 10.01
CA ASP B 67 -16.32 20.37 9.10
C ASP B 67 -14.96 19.69 9.29
N VAL B 68 -14.83 18.50 8.69
CA VAL B 68 -13.76 17.57 9.02
C VAL B 68 -12.64 17.50 7.99
N ILE B 69 -11.41 17.58 8.47
CA ILE B 69 -10.23 17.26 7.68
C ILE B 69 -9.85 15.81 7.94
N GLU B 70 -9.75 15.01 6.88
CA GLU B 70 -9.34 13.62 7.02
C GLU B 70 -7.84 13.45 6.82
N VAL B 71 -7.27 12.50 7.56
CA VAL B 71 -5.83 12.22 7.49
C VAL B 71 -5.62 10.79 7.05
N TYR B 72 -4.74 10.63 6.05
CA TYR B 72 -4.46 9.32 5.50
C TYR B 72 -2.98 8.95 5.49
N GLN B 73 -2.73 7.70 5.89
CA GLN B 73 -1.51 6.92 5.65
C GLN B 73 -0.73 7.26 4.38
N GLU B 74 0.59 7.10 4.43
CA GLU B 74 1.39 6.93 3.21
C GLU B 74 1.07 5.55 2.63
N GLN B 75 0.87 5.49 1.31
CA GLN B 75 0.56 4.23 0.66
C GLN B 75 1.73 3.70 -0.11
N THR B 76 1.95 2.41 0.02
CA THR B 76 3.07 1.76 -0.64
C THR B 76 2.68 0.40 -1.15
N GLY B 77 3.19 0.07 -2.33
CA GLY B 77 2.84 -1.19 -2.96
C GLY B 77 3.81 -1.53 -4.05
N GLY B 78 4.10 -2.81 -4.17
CA GLY B 78 4.95 -3.32 -5.23
C GLY B 78 4.31 -4.54 -5.84
N ALA C 1 -1.20 -36.97 21.26
CA ALA C 1 -2.60 -36.83 20.75
C ALA C 1 -2.88 -35.39 20.39
N ASP C 2 -2.82 -34.51 21.39
CA ASP C 2 -2.85 -33.08 21.14
C ASP C 2 -1.50 -32.69 20.59
N VAL C 3 -1.06 -31.46 20.82
CA VAL C 3 0.08 -30.87 20.10
C VAL C 3 -0.38 -30.64 18.67
N SER C 4 -0.81 -31.70 18.00
CA SER C 4 -1.49 -31.58 16.73
C SER C 4 -2.78 -30.77 16.91
N THR C 5 -3.52 -31.08 17.96
CA THR C 5 -4.80 -30.44 18.23
C THR C 5 -4.58 -28.96 18.50
N PHE C 6 -3.49 -28.63 19.18
CA PHE C 6 -3.08 -27.25 19.32
C PHE C 6 -2.99 -26.61 17.94
N LEU C 7 -2.11 -27.14 17.10
CA LEU C 7 -1.82 -26.56 15.79
C LEU C 7 -3.06 -26.31 14.94
N ALA C 8 -4.05 -27.20 15.05
CA ALA C 8 -5.31 -27.03 14.34
C ALA C 8 -6.02 -25.74 14.77
N PHE C 9 -6.02 -25.47 16.07
CA PHE C 9 -6.69 -24.29 16.62
C PHE C 9 -5.93 -23.69 17.81
N PRO C 10 -4.78 -23.02 17.54
CA PRO C 10 -3.92 -22.54 18.60
C PRO C 10 -4.65 -21.66 19.62
N SER C 11 -4.36 -21.88 20.89
CA SER C 11 -4.86 -21.07 21.99
C SER C 11 -3.81 -21.05 23.10
N PRO C 12 -3.74 -19.94 23.86
CA PRO C 12 -2.82 -19.81 25.00
C PRO C 12 -3.04 -20.92 26.03
N GLU C 13 -4.31 -21.28 26.21
CA GLU C 13 -4.70 -22.30 27.17
C GLU C 13 -4.17 -23.66 26.75
N LYS C 14 -4.42 -24.03 25.50
CA LYS C 14 -3.97 -25.32 24.98
C LYS C 14 -2.45 -25.44 25.12
N LEU C 15 -1.74 -24.40 24.72
CA LEU C 15 -0.29 -24.36 24.80
C LEU C 15 0.23 -24.55 26.23
N LEU C 16 -0.40 -23.89 27.19
CA LEU C 16 -0.01 -24.00 28.59
C LEU C 16 -0.35 -25.38 29.15
N ARG C 17 -1.21 -26.10 28.44
CA ARG C 17 -1.63 -27.45 28.83
C ARG C 17 -0.54 -28.47 28.55
N LEU C 18 0.18 -28.27 27.45
CA LEU C 18 1.10 -29.27 26.93
C LEU C 18 2.29 -29.57 27.86
N GLY C 19 2.59 -28.63 28.75
CA GLY C 19 3.69 -28.80 29.70
C GLY C 19 4.94 -28.14 29.17
N PRO C 20 6.08 -28.28 29.89
CA PRO C 20 7.31 -27.68 29.37
C PRO C 20 7.75 -28.42 28.11
N LYS C 21 7.29 -29.68 28.00
CA LYS C 21 7.46 -30.52 26.80
C LYS C 21 7.00 -29.85 25.49
N SER C 22 6.03 -28.94 25.59
CA SER C 22 5.40 -28.32 24.41
C SER C 22 6.39 -27.81 23.36
N SER C 23 7.49 -27.20 23.81
CA SER C 23 8.56 -26.76 22.91
C SER C 23 8.94 -27.85 21.93
N VAL C 24 9.38 -29.00 22.44
CA VAL C 24 9.94 -30.05 21.60
C VAL C 24 8.88 -30.90 20.89
N LEU C 25 7.74 -31.12 21.53
CA LEU C 25 6.64 -31.86 20.89
C LEU C 25 6.21 -31.18 19.60
N ILE C 26 6.13 -29.84 19.62
CA ILE C 26 5.84 -29.05 18.43
C ILE C 26 6.95 -29.20 17.39
N ALA C 27 8.19 -28.99 17.83
CA ALA C 27 9.36 -28.95 16.96
C ALA C 27 9.61 -30.27 16.25
N GLN C 28 9.41 -31.38 16.97
CA GLN C 28 9.57 -32.71 16.40
C GLN C 28 8.46 -33.03 15.41
N GLN C 29 7.27 -32.47 15.65
CA GLN C 29 6.09 -32.81 14.87
C GLN C 29 6.04 -32.14 13.51
N THR C 30 6.79 -31.05 13.34
CA THR C 30 6.79 -30.33 12.07
C THR C 30 7.97 -30.71 11.18
N ASP C 31 7.70 -30.97 9.91
CA ASP C 31 8.71 -31.36 8.93
C ASP C 31 9.65 -30.18 8.71
N THR C 32 10.66 -30.08 9.55
CA THR C 32 11.55 -28.93 9.56
C THR C 32 12.52 -28.88 8.36
N SER C 33 12.32 -29.74 7.37
CA SER C 33 13.05 -29.63 6.12
C SER C 33 12.30 -28.75 5.10
N ASP C 34 11.06 -28.39 5.43
CA ASP C 34 10.16 -27.65 4.54
C ASP C 34 9.82 -26.25 5.09
N PRO C 35 10.33 -25.17 4.46
CA PRO C 35 10.14 -23.82 4.97
C PRO C 35 8.70 -23.39 5.11
N GLU C 36 7.84 -23.77 4.18
CA GLU C 36 6.41 -23.44 4.28
C GLU C 36 5.80 -24.04 5.55
N LYS C 37 6.09 -25.31 5.82
CA LYS C 37 5.60 -25.97 7.02
C LYS C 37 6.14 -25.31 8.29
N VAL C 38 7.41 -24.88 8.25
CA VAL C 38 8.00 -24.21 9.41
C VAL C 38 7.39 -22.83 9.65
N VAL C 39 7.11 -22.09 8.58
CA VAL C 39 6.40 -20.83 8.66
C VAL C 39 5.02 -21.07 9.29
N SER C 40 4.38 -22.17 8.89
CA SER C 40 3.04 -22.45 9.38
C SER C 40 3.06 -22.58 10.91
N ALA C 41 3.92 -23.47 11.41
CA ALA C 41 4.11 -23.68 12.83
C ALA C 41 4.43 -22.36 13.51
N PHE C 42 5.38 -21.63 12.92
CA PHE C 42 5.84 -20.38 13.50
C PHE C 42 4.68 -19.45 13.79
N LEU C 43 3.84 -19.21 12.80
CA LEU C 43 2.72 -18.28 12.95
C LEU C 43 1.67 -18.80 13.91
N LYS C 44 1.35 -20.08 13.78
CA LYS C 44 0.42 -20.76 14.68
C LYS C 44 0.80 -20.54 16.14
N VAL C 45 2.05 -20.86 16.46
CA VAL C 45 2.57 -20.73 17.83
C VAL C 45 2.57 -19.26 18.25
N SER C 46 3.07 -18.39 17.37
CA SER C 46 3.20 -16.98 17.70
C SER C 46 1.85 -16.26 17.72
N SER C 47 0.83 -16.90 17.16
CA SER C 47 -0.52 -16.33 17.18
C SER C 47 -1.16 -16.32 18.57
N VAL C 48 -0.63 -17.11 19.50
CA VAL C 48 -1.16 -17.12 20.87
C VAL C 48 -0.29 -16.32 21.85
N PHE C 49 0.62 -15.51 21.31
CA PHE C 49 1.50 -14.64 22.12
C PHE C 49 0.68 -13.58 22.84
N LYS C 50 1.01 -13.38 24.11
CA LYS C 50 0.30 -12.46 24.98
C LYS C 50 1.30 -11.89 25.98
N ASP C 51 1.07 -10.63 26.35
CA ASP C 51 1.82 -10.03 27.43
C ASP C 51 1.31 -10.70 28.70
N GLU C 52 2.05 -11.73 29.11
CA GLU C 52 1.64 -12.59 30.18
C GLU C 52 2.80 -13.55 30.33
N ALA C 53 3.41 -13.50 31.50
CA ALA C 53 4.69 -14.16 31.76
C ALA C 53 4.75 -15.60 31.27
N THR C 54 3.81 -16.44 31.71
CA THR C 54 3.86 -17.87 31.39
C THR C 54 3.62 -18.13 29.92
N VAL C 55 2.67 -17.41 29.34
CA VAL C 55 2.35 -17.57 27.92
C VAL C 55 3.49 -17.06 27.02
N ARG C 56 4.02 -15.88 27.35
CA ARG C 56 5.16 -15.32 26.63
C ARG C 56 6.33 -16.29 26.63
N MET C 57 6.68 -16.79 27.82
CA MET C 57 7.78 -17.73 27.92
C MET C 57 7.53 -18.97 27.05
N ALA C 58 6.31 -19.50 27.10
CA ALA C 58 5.96 -20.71 26.33
C ALA C 58 6.06 -20.49 24.80
N VAL C 59 5.49 -19.40 24.32
CA VAL C 59 5.50 -19.09 22.90
C VAL C 59 6.93 -18.97 22.36
N GLN C 60 7.77 -18.24 23.07
CA GLN C 60 9.17 -18.10 22.70
C GLN C 60 9.95 -19.41 22.80
N ASP C 61 9.54 -20.28 23.72
CA ASP C 61 10.22 -21.55 23.92
C ASP C 61 9.91 -22.51 22.75
N ALA C 62 8.68 -22.44 22.25
CA ALA C 62 8.31 -23.22 21.08
C ALA C 62 9.15 -22.72 19.92
N VAL C 63 8.91 -21.47 19.52
CA VAL C 63 9.68 -20.81 18.47
C VAL C 63 11.14 -21.23 18.44
N ASP C 64 11.81 -21.19 19.59
CA ASP C 64 13.22 -21.52 19.66
C ASP C 64 13.46 -22.98 19.34
N ALA C 65 12.71 -23.88 19.96
CA ALA C 65 12.90 -25.31 19.78
C ALA C 65 12.74 -25.62 18.32
N LEU C 66 11.69 -25.04 17.74
CA LEU C 66 11.38 -25.17 16.34
C LEU C 66 12.48 -24.63 15.46
N MET C 67 12.73 -23.33 15.57
CA MET C 67 13.69 -22.65 14.70
C MET C 67 15.12 -23.15 14.84
N GLN C 68 15.54 -23.46 16.06
CA GLN C 68 16.83 -24.08 16.27
C GLN C 68 16.93 -25.39 15.49
N LYS C 69 15.86 -26.17 15.47
CA LYS C 69 15.80 -27.39 14.68
C LYS C 69 15.90 -27.05 13.19
N ALA C 70 15.22 -25.98 12.78
CA ALA C 70 15.17 -25.62 11.37
C ALA C 70 16.54 -25.20 10.91
N PHE C 71 17.08 -24.14 11.50
CA PHE C 71 18.39 -23.62 11.14
C PHE C 71 19.48 -24.66 11.26
N ASN C 72 19.18 -25.75 11.97
CA ASN C 72 20.13 -26.84 12.15
C ASN C 72 19.98 -27.94 11.10
N SER C 73 18.93 -27.85 10.30
CA SER C 73 18.69 -28.82 9.23
C SER C 73 19.46 -28.42 7.96
N SER C 74 20.09 -29.39 7.33
CA SER C 74 20.86 -29.10 6.13
C SER C 74 19.96 -28.98 4.91
N SER C 75 18.70 -29.40 5.05
CA SER C 75 17.72 -29.30 3.95
C SER C 75 16.94 -27.97 4.01
N PHE C 76 17.13 -27.23 5.10
CA PHE C 76 16.31 -26.06 5.39
C PHE C 76 16.88 -24.81 4.76
N ASN C 77 16.20 -24.32 3.73
CA ASN C 77 16.50 -23.05 3.10
C ASN C 77 15.95 -21.91 3.96
N SER C 78 16.82 -21.22 4.70
CA SER C 78 16.35 -20.13 5.55
C SER C 78 15.84 -18.93 4.76
N ASN C 79 16.44 -18.66 3.61
CA ASN C 79 15.95 -17.64 2.68
C ASN C 79 14.48 -17.82 2.27
N THR C 80 14.11 -19.06 1.98
CA THR C 80 12.75 -19.37 1.58
C THR C 80 11.82 -19.26 2.78
N PHE C 81 12.33 -19.57 3.96
CA PHE C 81 11.57 -19.36 5.18
C PHE C 81 11.21 -17.87 5.38
N LEU C 82 12.20 -16.98 5.27
CA LEU C 82 11.93 -15.56 5.40
C LEU C 82 10.93 -15.05 4.38
N THR C 83 11.12 -15.47 3.13
CA THR C 83 10.26 -15.05 2.03
C THR C 83 8.85 -15.54 2.31
N ARG C 84 8.71 -16.79 2.72
CA ARG C 84 7.39 -17.32 2.94
C ARG C 84 6.71 -16.74 4.18
N LEU C 85 7.53 -16.41 5.18
CA LEU C 85 7.07 -15.76 6.40
C LEU C 85 6.48 -14.39 6.07
N LEU C 86 7.21 -13.60 5.30
CA LEU C 86 6.77 -12.26 5.01
C LEU C 86 5.58 -12.27 4.08
N VAL C 87 5.50 -13.29 3.23
CA VAL C 87 4.37 -13.44 2.34
C VAL C 87 3.13 -13.71 3.18
N HIS C 88 3.32 -14.46 4.25
CA HIS C 88 2.20 -14.90 5.06
C HIS C 88 1.72 -13.82 6.01
N MET C 89 2.63 -12.94 6.39
CA MET C 89 2.34 -11.79 7.22
C MET C 89 1.77 -10.66 6.35
N GLY C 90 1.73 -10.91 5.04
CA GLY C 90 1.18 -9.96 4.09
C GLY C 90 2.12 -8.80 3.84
N LEU C 91 3.42 -9.05 3.93
CA LEU C 91 4.41 -7.98 3.74
C LEU C 91 5.18 -8.09 2.42
N LEU C 92 4.90 -9.15 1.68
CA LEU C 92 5.57 -9.44 0.42
C LEU C 92 4.57 -10.06 -0.53
N LYS C 93 4.78 -9.85 -1.83
CA LYS C 93 3.93 -10.44 -2.86
C LYS C 93 4.27 -11.90 -3.09
N SER C 94 3.31 -12.61 -3.68
CA SER C 94 3.49 -14.02 -4.03
C SER C 94 2.53 -14.39 -5.13
N GLU C 95 2.96 -15.33 -5.98
CA GLU C 95 2.15 -15.79 -7.09
C GLU C 95 0.93 -16.58 -6.62
N ASP C 96 1.04 -17.26 -5.48
CA ASP C 96 -0.05 -18.02 -4.87
C ASP C 96 -0.82 -17.20 -3.83
N LYS C 97 -2.14 -17.37 -3.79
CA LYS C 97 -2.98 -16.63 -2.84
C LYS C 97 -2.77 -17.18 -1.44
N VAL C 98 -2.74 -16.29 -0.45
CA VAL C 98 -2.55 -16.70 0.95
C VAL C 98 -3.55 -16.08 1.95
N LYS C 99 -3.80 -16.81 3.03
CA LYS C 99 -4.74 -16.42 4.07
C LYS C 99 -4.44 -15.09 4.76
N ALA C 100 -3.27 -14.51 4.48
CA ALA C 100 -2.86 -13.21 5.04
C ALA C 100 -3.44 -12.95 6.43
N ILE C 101 -2.63 -13.31 7.42
CA ILE C 101 -3.01 -13.24 8.83
C ILE C 101 -3.40 -11.82 9.21
N ALA C 102 -4.22 -11.68 10.25
CA ALA C 102 -4.87 -10.40 10.54
C ALA C 102 -4.18 -9.58 11.62
N ASN C 103 -3.41 -10.25 12.48
CA ASN C 103 -2.77 -9.61 13.62
C ASN C 103 -1.28 -9.98 13.71
N LEU C 104 -0.42 -8.97 13.67
CA LEU C 104 1.01 -9.19 13.56
C LEU C 104 1.77 -9.09 14.88
N TYR C 105 1.11 -8.64 15.95
CA TYR C 105 1.79 -8.44 17.24
C TYR C 105 2.59 -9.68 17.66
N GLY C 106 1.88 -10.79 17.80
CA GLY C 106 2.51 -12.04 18.15
C GLY C 106 3.68 -12.30 17.24
N PRO C 107 3.40 -12.53 15.94
CA PRO C 107 4.45 -12.72 14.94
C PRO C 107 5.63 -11.76 15.11
N LEU C 108 5.35 -10.46 15.25
CA LEU C 108 6.41 -9.46 15.36
C LEU C 108 7.25 -9.64 16.61
N MET C 109 6.61 -10.02 17.72
CA MET C 109 7.28 -10.28 18.97
C MET C 109 8.13 -11.54 18.89
N ALA C 110 7.58 -12.58 18.29
CA ALA C 110 8.34 -13.81 18.13
C ALA C 110 9.62 -13.55 17.35
N LEU C 111 9.51 -12.82 16.23
CA LEU C 111 10.68 -12.42 15.45
C LEU C 111 11.70 -11.64 16.29
N ASN C 112 11.20 -10.68 17.06
CA ASN C 112 12.05 -9.90 17.95
C ASN C 112 12.86 -10.81 18.87
N HIS C 113 12.26 -11.91 19.27
CA HIS C 113 12.93 -12.86 20.13
C HIS C 113 13.89 -13.72 19.32
N MET C 114 13.49 -14.08 18.11
CA MET C 114 14.22 -15.05 17.30
C MET C 114 15.57 -14.52 16.84
N VAL C 115 15.52 -13.36 16.21
CA VAL C 115 16.68 -12.69 15.66
C VAL C 115 17.83 -12.57 16.68
N GLN C 116 17.48 -12.44 17.95
CA GLN C 116 18.41 -12.22 19.06
C GLN C 116 19.06 -13.49 19.57
N GLN C 117 18.62 -14.65 19.09
CA GLN C 117 19.09 -15.90 19.65
C GLN C 117 20.34 -16.41 18.95
N ASP C 118 21.21 -17.05 19.71
CA ASP C 118 22.42 -17.63 19.16
C ASP C 118 22.17 -18.40 17.86
N TYR C 119 21.12 -19.22 17.84
CA TYR C 119 20.90 -20.12 16.69
C TYR C 119 20.70 -19.39 15.36
N PHE C 120 20.23 -18.15 15.43
CA PHE C 120 19.87 -17.37 14.25
C PHE C 120 21.08 -16.95 13.42
N PRO C 121 21.08 -17.29 12.11
CA PRO C 121 22.12 -16.87 11.18
C PRO C 121 22.08 -15.36 10.97
N LYS C 122 23.04 -14.68 11.56
CA LYS C 122 23.12 -13.22 11.55
C LYS C 122 23.08 -12.65 10.13
N ALA C 123 23.61 -13.40 9.17
CA ALA C 123 23.54 -13.00 7.77
C ALA C 123 22.14 -12.60 7.31
N LEU C 124 21.11 -13.24 7.87
CA LEU C 124 19.73 -12.98 7.46
C LEU C 124 19.16 -11.67 7.96
N ALA C 125 19.85 -11.06 8.94
CA ALA C 125 19.34 -9.87 9.63
C ALA C 125 19.11 -8.68 8.70
N PRO C 126 20.16 -8.22 7.97
CA PRO C 126 19.99 -7.07 7.07
C PRO C 126 18.83 -7.25 6.11
N LEU C 127 18.69 -8.46 5.58
CA LEU C 127 17.62 -8.84 4.66
C LEU C 127 16.26 -8.53 5.26
N LEU C 128 16.06 -9.02 6.48
CA LEU C 128 14.77 -8.90 7.16
C LEU C 128 14.46 -7.46 7.50
N LEU C 129 15.51 -6.70 7.81
CA LEU C 129 15.42 -5.29 8.14
C LEU C 129 14.74 -4.48 7.03
N ALA C 130 15.10 -4.80 5.78
CA ALA C 130 14.59 -4.06 4.63
C ALA C 130 13.09 -4.27 4.31
N PHE C 131 12.46 -5.26 4.96
CA PHE C 131 11.02 -5.48 4.75
C PHE C 131 10.20 -5.15 5.98
N VAL C 132 10.89 -4.83 7.06
CA VAL C 132 10.26 -4.31 8.26
C VAL C 132 10.09 -2.79 8.12
N THR C 133 10.84 -2.21 7.18
CA THR C 133 10.74 -0.79 6.89
C THR C 133 9.49 -0.51 6.03
N LYS C 134 9.66 -0.53 4.70
CA LYS C 134 8.60 -0.16 3.73
C LYS C 134 7.19 0.06 4.33
N PRO C 135 6.72 1.32 4.33
CA PRO C 135 5.49 1.80 4.97
C PRO C 135 4.23 0.96 4.65
N ASN C 136 4.19 -0.26 5.18
CA ASN C 136 3.04 -1.15 5.04
C ASN C 136 2.02 -0.86 6.13
N SER C 137 0.74 -0.91 5.74
CA SER C 137 -0.37 -0.60 6.64
C SER C 137 -0.38 -1.43 7.94
N ALA C 138 -0.39 -2.75 7.80
CA ALA C 138 -0.47 -3.66 8.94
C ALA C 138 0.68 -3.51 9.93
N LEU C 139 1.77 -2.86 9.51
CA LEU C 139 2.89 -2.62 10.42
C LEU C 139 2.67 -1.41 11.33
N GLU C 140 2.14 -0.32 10.75
CA GLU C 140 1.86 0.91 11.51
C GLU C 140 0.79 0.72 12.59
N SER C 141 0.14 -0.45 12.58
CA SER C 141 -0.77 -0.82 13.66
C SER C 141 -0.03 -1.44 14.85
N CYS C 142 1.21 -1.86 14.62
CA CYS C 142 2.09 -2.32 15.70
C CYS C 142 3.40 -1.53 15.69
N SER C 143 3.30 -0.22 15.88
CA SER C 143 4.47 0.66 15.90
C SER C 143 5.55 0.14 16.85
N PHE C 144 5.16 -0.13 18.10
CA PHE C 144 6.05 -0.65 19.14
C PHE C 144 6.86 -1.83 18.69
N ALA C 145 6.16 -2.93 18.39
CA ALA C 145 6.81 -4.18 18.00
C ALA C 145 7.70 -3.93 16.80
N ARG C 146 7.19 -3.20 15.84
CA ARG C 146 7.97 -2.83 14.68
C ARG C 146 9.27 -2.13 15.13
N HIS C 147 9.12 -1.10 15.95
CA HIS C 147 10.23 -0.30 16.47
C HIS C 147 11.13 -1.09 17.40
N SER C 148 10.53 -2.02 18.14
CA SER C 148 11.27 -2.88 19.05
C SER C 148 12.16 -3.81 18.23
N LEU C 149 11.59 -4.31 17.14
CA LEU C 149 12.26 -5.24 16.25
C LEU C 149 13.37 -4.59 15.46
N LEU C 150 13.13 -3.36 15.00
CA LEU C 150 14.12 -2.67 14.21
C LEU C 150 15.38 -2.47 15.03
N GLN C 151 15.19 -2.05 16.28
CA GLN C 151 16.28 -1.83 17.23
C GLN C 151 17.14 -3.06 17.44
N THR C 152 16.48 -4.20 17.53
CA THR C 152 17.15 -5.48 17.67
C THR C 152 18.05 -5.73 16.47
N LEU C 153 17.48 -5.65 15.26
CA LEU C 153 18.22 -5.92 14.02
C LEU C 153 19.46 -5.03 13.84
N TYR C 154 19.37 -3.77 14.24
CA TYR C 154 20.52 -2.87 14.20
C TYR C 154 21.67 -3.43 15.03
N LYS C 155 21.30 -3.98 16.18
CA LYS C 155 22.24 -4.32 17.23
C LYS C 155 22.75 -5.74 17.12
N VAL C 156 22.24 -6.50 16.16
CA VAL C 156 22.49 -7.93 16.15
C VAL C 156 22.87 -8.44 14.76
#